data_6J52
#
_entry.id   6J52
#
_cell.length_a   46.657
_cell.length_b   60.500
_cell.length_c   78.836
_cell.angle_alpha   90.00
_cell.angle_beta   89.82
_cell.angle_gamma   90.00
#
_symmetry.space_group_name_H-M   'P 1 21 1'
#
loop_
_entity.id
_entity.type
_entity.pdbx_description
1 polymer 'Caspase recruitment domain-only protein'
2 water water
#
_entity_poly.entity_id   1
_entity_poly.type   'polypeptide(L)'
_entity_poly.pdbx_seq_one_letter_code
;MMQNFGAQEMRKGRLAFVRLSKLETLQNLIDKMLAERVFNKGEAADILESNDIRADIARALIDSVTKKGDVACSLFAGAI
ARQDVVLADAMGISQVLEHHHHHH
;
_entity_poly.pdbx_strand_id   A,B,C,D
#
# COMPACT_ATOMS: atom_id res chain seq x y z
N MET A 2 28.36 1.55 -2.80
CA MET A 2 27.42 0.82 -3.64
C MET A 2 27.99 -0.53 -4.09
N GLN A 3 27.21 -1.18 -4.93
CA GLN A 3 27.59 -2.32 -5.72
C GLN A 3 26.87 -2.16 -7.05
N ASN A 4 27.39 -2.75 -8.11
CA ASN A 4 26.69 -2.63 -9.38
C ASN A 4 25.72 -3.80 -9.47
N PHE A 5 24.44 -3.52 -9.17
CA PHE A 5 23.44 -4.57 -8.93
C PHE A 5 22.06 -3.92 -9.10
N GLY A 6 21.39 -4.20 -10.21
CA GLY A 6 20.19 -3.48 -10.61
C GLY A 6 18.89 -4.16 -10.22
N ALA A 7 17.79 -3.61 -10.77
CA ALA A 7 16.45 -4.09 -10.45
C ALA A 7 16.19 -5.46 -11.05
N GLN A 8 16.73 -5.74 -12.25
CA GLN A 8 16.67 -7.10 -12.78
C GLN A 8 17.32 -8.08 -11.82
N GLU A 9 18.49 -7.72 -11.28
CA GLU A 9 19.18 -8.63 -10.38
C GLU A 9 18.49 -8.70 -9.02
N MET A 10 17.82 -7.64 -8.58
CA MET A 10 17.11 -7.67 -7.31
C MET A 10 15.85 -8.53 -7.41
N ARG A 11 15.15 -8.50 -8.56
CA ARG A 11 14.04 -9.42 -8.75
C ARG A 11 14.50 -10.88 -8.69
N LYS A 12 15.64 -11.21 -9.32
CA LYS A 12 16.13 -12.58 -9.23
C LYS A 12 16.56 -12.96 -7.81
N GLY A 13 16.87 -11.99 -6.95
CA GLY A 13 17.28 -12.29 -5.59
C GLY A 13 16.19 -12.17 -4.56
N ARG A 14 14.94 -11.95 -4.98
CA ARG A 14 13.86 -11.62 -4.06
C ARG A 14 13.56 -12.77 -3.11
N LEU A 15 13.36 -13.97 -3.65
CA LEU A 15 13.00 -15.11 -2.83
C LEU A 15 14.06 -15.37 -1.76
N ALA A 16 15.35 -15.31 -2.12
CA ALA A 16 16.40 -15.46 -1.13
C ALA A 16 16.32 -14.37 -0.07
N PHE A 17 16.02 -13.14 -0.49
CA PHE A 17 15.97 -12.06 0.48
C PHE A 17 14.83 -12.25 1.47
N VAL A 18 13.65 -12.66 0.98
CA VAL A 18 12.50 -12.84 1.85
C VAL A 18 12.72 -14.02 2.79
N ARG A 19 13.31 -15.10 2.29
CA ARG A 19 13.55 -16.29 3.10
C ARG A 19 14.62 -16.06 4.16
N LEU A 20 15.72 -15.40 3.81
CA LEU A 20 16.94 -15.51 4.61
C LEU A 20 17.24 -14.29 5.48
N SER A 21 16.64 -13.13 5.21
CA SER A 21 17.02 -11.94 5.96
C SER A 21 16.51 -12.01 7.40
N LYS A 22 17.36 -11.64 8.35
CA LYS A 22 16.94 -11.57 9.73
C LYS A 22 16.28 -10.23 10.02
N LEU A 23 15.49 -10.20 11.10
CA LEU A 23 14.75 -9.00 11.44
C LEU A 23 15.68 -7.83 11.77
N GLU A 24 16.77 -8.12 12.51
CA GLU A 24 17.75 -7.08 12.81
C GLU A 24 18.36 -6.51 11.55
N THR A 25 18.60 -7.36 10.55
CA THR A 25 19.12 -6.87 9.28
C THR A 25 18.11 -5.96 8.59
N LEU A 26 16.82 -6.27 8.71
CA LEU A 26 15.81 -5.48 8.02
C LEU A 26 15.72 -4.08 8.61
N GLN A 27 15.77 -3.99 9.93
CA GLN A 27 15.67 -2.70 10.59
C GLN A 27 16.88 -1.82 10.25
N ASN A 28 18.09 -2.41 10.21
CA ASN A 28 19.24 -1.62 9.82
C ASN A 28 19.14 -1.19 8.36
N LEU A 29 18.72 -2.10 7.46
CA LEU A 29 18.61 -1.75 6.06
C LEU A 29 17.66 -0.57 5.84
N ILE A 30 16.54 -0.58 6.57
CA ILE A 30 15.55 0.51 6.45
C ILE A 30 16.15 1.81 6.95
N ASP A 31 16.84 1.78 8.08
CA ASP A 31 17.54 2.97 8.56
C ASP A 31 18.56 3.47 7.56
N LYS A 32 19.30 2.55 6.94
CA LYS A 32 20.32 2.92 5.95
C LYS A 32 19.69 3.56 4.70
N MET A 33 18.49 3.09 4.29
CA MET A 33 17.82 3.70 3.15
C MET A 33 17.18 5.04 3.52
N LEU A 34 16.86 5.25 4.79
CA LEU A 34 16.50 6.61 5.22
C LEU A 34 17.71 7.53 5.18
N ALA A 35 18.88 7.05 5.63
CA ALA A 35 20.05 7.91 5.63
C ALA A 35 20.49 8.26 4.22
N GLU A 36 20.32 7.36 3.26
CA GLU A 36 20.71 7.62 1.88
C GLU A 36 19.70 8.46 1.12
N ARG A 37 18.57 8.82 1.75
CA ARG A 37 17.48 9.53 1.09
C ARG A 37 16.77 8.68 0.02
N VAL A 38 16.88 7.34 0.10
CA VAL A 38 16.10 6.48 -0.77
C VAL A 38 14.65 6.45 -0.31
N PHE A 39 14.44 6.38 1.00
CA PHE A 39 13.12 6.44 1.61
C PHE A 39 12.93 7.78 2.30
N ASN A 40 11.71 8.28 2.27
CA ASN A 40 11.33 9.31 3.23
C ASN A 40 10.71 8.63 4.45
N LYS A 41 10.47 9.41 5.52
CA LYS A 41 10.05 8.81 6.78
C LYS A 41 8.70 8.12 6.64
N GLY A 42 7.79 8.68 5.84
CA GLY A 42 6.51 8.03 5.59
C GLY A 42 6.65 6.64 4.99
N GLU A 43 7.56 6.48 4.02
CA GLU A 43 7.75 5.19 3.37
C GLU A 43 8.34 4.16 4.34
N ALA A 44 9.39 4.55 5.08
CA ALA A 44 9.97 3.68 6.09
C ALA A 44 8.94 3.29 7.14
N ALA A 45 8.12 4.25 7.57
CA ALA A 45 7.07 3.93 8.55
C ALA A 45 6.14 2.86 8.00
N ASP A 46 5.72 3.00 6.74
CA ASP A 46 4.84 2.02 6.11
C ASP A 46 5.46 0.63 6.06
N ILE A 47 6.73 0.55 5.63
CA ILE A 47 7.38 -0.75 5.53
C ILE A 47 7.46 -1.42 6.89
N LEU A 48 7.74 -0.63 7.93
CA LEU A 48 7.87 -1.17 9.27
C LEU A 48 6.53 -1.53 9.88
N GLU A 49 5.48 -0.83 9.50
CA GLU A 49 4.19 -1.05 10.14
C GLU A 49 3.62 -2.39 9.67
N SER A 50 3.23 -3.21 10.65
CA SER A 50 2.58 -4.50 10.38
C SER A 50 1.58 -4.77 11.52
N ASN A 51 0.73 -3.77 11.79
CA ASN A 51 -0.25 -3.87 12.86
C ASN A 51 -1.28 -4.96 12.60
N ASP A 52 -1.65 -5.18 11.34
CA ASP A 52 -2.64 -6.21 11.05
C ASP A 52 -2.15 -7.60 11.45
N ILE A 53 -0.90 -7.92 11.14
CA ILE A 53 -0.36 -9.21 11.57
C ILE A 53 -0.17 -9.22 13.08
N ARG A 54 0.28 -8.10 13.65
CA ARG A 54 0.41 -8.00 15.11
C ARG A 54 -0.91 -8.34 15.80
N ALA A 55 -1.98 -7.64 15.43
CA ALA A 55 -3.29 -7.90 16.03
C ALA A 55 -3.72 -9.34 15.80
N ASP A 56 -3.36 -9.92 14.65
CA ASP A 56 -3.73 -11.30 14.41
C ASP A 56 -2.94 -12.27 15.30
N ILE A 57 -1.67 -11.95 15.60
CA ILE A 57 -0.93 -12.70 16.62
C ILE A 57 -1.63 -12.60 17.98
N ALA A 58 -2.11 -11.39 18.33
CA ALA A 58 -2.75 -11.18 19.62
C ALA A 58 -4.02 -12.00 19.75
N ARG A 59 -4.84 -12.02 18.69
CA ARG A 59 -6.07 -12.80 18.69
C ARG A 59 -5.76 -14.28 18.92
N ALA A 60 -4.81 -14.82 18.17
CA ALA A 60 -4.49 -16.24 18.28
C ALA A 60 -3.99 -16.58 19.67
N LEU A 61 -3.17 -15.72 20.25
CA LEU A 61 -2.59 -15.98 21.57
C LEU A 61 -3.65 -15.99 22.66
N ILE A 62 -4.46 -14.92 22.73
CA ILE A 62 -5.44 -14.82 23.80
C ILE A 62 -6.57 -15.81 23.59
N ASP A 63 -6.88 -16.16 22.34
CA ASP A 63 -7.91 -17.16 22.12
C ASP A 63 -7.41 -18.56 22.50
N SER A 64 -6.12 -18.85 22.28
CA SER A 64 -5.59 -20.14 22.72
C SER A 64 -5.53 -20.24 24.24
N VAL A 65 -5.23 -19.12 24.92
CA VAL A 65 -5.22 -19.11 26.37
C VAL A 65 -6.62 -19.33 26.91
N THR A 66 -7.58 -18.54 26.43
CA THR A 66 -8.93 -18.58 26.99
C THR A 66 -9.56 -19.96 26.87
N LYS A 67 -9.27 -20.67 25.78
CA LYS A 67 -9.82 -21.99 25.59
C LYS A 67 -9.32 -22.98 26.64
N LYS A 68 -8.16 -22.74 27.24
CA LYS A 68 -7.66 -23.66 28.26
C LYS A 68 -8.27 -23.42 29.64
N GLY A 69 -9.02 -22.34 29.83
CA GLY A 69 -9.79 -22.15 31.06
C GLY A 69 -9.14 -21.19 32.04
N ASP A 70 -9.62 -21.24 33.28
CA ASP A 70 -9.36 -20.17 34.23
C ASP A 70 -7.93 -20.19 34.76
N VAL A 71 -7.37 -21.37 35.01
CA VAL A 71 -6.02 -21.44 35.56
C VAL A 71 -4.99 -20.94 34.55
N ALA A 72 -5.16 -21.31 33.27
CA ALA A 72 -4.26 -20.79 32.25
C ALA A 72 -4.43 -19.27 32.12
N CYS A 73 -5.69 -18.80 32.06
CA CYS A 73 -5.93 -17.36 32.00
C CYS A 73 -5.30 -16.64 33.19
N SER A 74 -5.25 -17.28 34.36
CA SER A 74 -4.70 -16.59 35.51
C SER A 74 -3.18 -16.51 35.40
N LEU A 75 -2.55 -17.57 34.91
CA LEU A 75 -1.12 -17.49 34.65
C LEU A 75 -0.83 -16.44 33.58
N PHE A 76 -1.55 -16.50 32.45
CA PHE A 76 -1.43 -15.47 31.44
C PHE A 76 -1.54 -14.05 32.03
N ALA A 77 -2.52 -13.82 32.91
CA ALA A 77 -2.71 -12.46 33.42
C ALA A 77 -1.56 -12.04 34.33
N GLY A 78 -1.03 -12.99 35.13
CA GLY A 78 0.18 -12.70 35.90
C GLY A 78 1.36 -12.33 35.02
N ALA A 79 1.51 -13.01 33.88
CA ALA A 79 2.61 -12.71 32.98
C ALA A 79 2.44 -11.35 32.31
N ILE A 80 1.21 -10.99 31.93
CA ILE A 80 0.99 -9.66 31.34
C ILE A 80 1.39 -8.57 32.33
N ALA A 81 0.95 -8.68 33.58
CA ALA A 81 1.31 -7.70 34.59
C ALA A 81 2.82 -7.54 34.71
N ARG A 82 3.56 -8.66 34.68
CA ARG A 82 5.01 -8.58 34.78
C ARG A 82 5.67 -8.02 33.52
N GLN A 83 4.96 -7.99 32.39
CA GLN A 83 5.54 -7.56 31.13
C GLN A 83 5.20 -6.10 30.77
N ASP A 84 3.97 -5.65 31.00
CA ASP A 84 3.53 -4.30 30.64
C ASP A 84 2.47 -3.89 31.63
N VAL A 85 2.80 -2.91 32.49
CA VAL A 85 1.88 -2.53 33.55
C VAL A 85 0.68 -1.78 32.98
N VAL A 86 0.87 -1.00 31.92
CA VAL A 86 -0.23 -0.20 31.40
C VAL A 86 -1.26 -1.09 30.73
N LEU A 87 -0.80 -2.02 29.90
CA LEU A 87 -1.69 -2.99 29.28
C LEU A 87 -2.43 -3.81 30.33
N ALA A 88 -1.72 -4.24 31.38
CA ALA A 88 -2.40 -4.96 32.47
C ALA A 88 -3.53 -4.13 33.05
N ASP A 89 -3.26 -2.84 33.31
CA ASP A 89 -4.25 -1.96 33.92
C ASP A 89 -5.44 -1.72 32.99
N ALA A 90 -5.18 -1.59 31.69
CA ALA A 90 -6.27 -1.44 30.72
C ALA A 90 -7.18 -2.67 30.68
N MET A 91 -6.67 -3.84 31.05
CA MET A 91 -7.42 -5.09 30.96
C MET A 91 -8.11 -5.48 32.26
N GLY A 92 -7.84 -4.78 33.36
CA GLY A 92 -8.41 -5.13 34.64
C GLY A 92 -7.54 -6.02 35.51
N ILE A 93 -6.29 -6.18 35.16
CA ILE A 93 -5.38 -7.07 35.86
C ILE A 93 -4.70 -6.29 36.98
N SER A 94 -4.55 -6.94 38.13
CA SER A 94 -3.85 -6.33 39.26
C SER A 94 -2.36 -6.22 38.98
N GLN A 95 -1.73 -5.18 39.51
CA GLN A 95 -0.32 -4.96 39.24
C GLN A 95 0.51 -5.04 40.51
N MET B 2 0.44 -15.16 42.25
CA MET B 2 -0.73 -15.66 41.55
C MET B 2 -1.89 -14.64 41.59
N GLN B 3 -2.60 -14.56 40.48
CA GLN B 3 -3.84 -13.81 40.32
C GLN B 3 -5.01 -14.77 40.19
N ASN B 4 -6.20 -14.27 40.46
CA ASN B 4 -7.41 -14.99 40.12
C ASN B 4 -8.07 -14.16 39.03
N PHE B 5 -7.73 -14.49 37.79
CA PHE B 5 -8.15 -13.72 36.61
C PHE B 5 -8.52 -14.77 35.57
N GLY B 6 -9.79 -15.17 35.55
CA GLY B 6 -10.27 -16.28 34.74
C GLY B 6 -10.73 -15.86 33.36
N ALA B 7 -11.33 -16.81 32.64
CA ALA B 7 -11.64 -16.65 31.23
C ALA B 7 -12.62 -15.51 30.99
N GLN B 8 -13.65 -15.40 31.83
CA GLN B 8 -14.64 -14.33 31.72
C GLN B 8 -13.96 -12.96 31.70
N GLU B 9 -13.19 -12.65 32.73
CA GLU B 9 -12.46 -11.38 32.74
C GLU B 9 -11.54 -11.27 31.53
N MET B 10 -10.86 -12.37 31.16
CA MET B 10 -9.94 -12.34 30.03
C MET B 10 -10.67 -11.96 28.74
N ARG B 11 -11.89 -12.47 28.56
CA ARG B 11 -12.67 -12.06 27.39
C ARG B 11 -13.09 -10.61 27.46
N LYS B 12 -13.33 -10.07 28.66
CA LYS B 12 -13.68 -8.67 28.76
C LYS B 12 -12.51 -7.75 28.47
N GLY B 13 -11.29 -8.20 28.66
CA GLY B 13 -10.11 -7.45 28.30
C GLY B 13 -9.60 -7.76 26.90
N ARG B 14 -10.30 -8.62 26.16
CA ARG B 14 -9.82 -9.08 24.85
C ARG B 14 -9.52 -7.90 23.92
N LEU B 15 -10.47 -6.98 23.75
CA LEU B 15 -10.27 -5.91 22.77
C LEU B 15 -9.10 -5.01 23.17
N ALA B 16 -8.93 -4.77 24.47
CA ALA B 16 -7.78 -3.98 24.91
C ALA B 16 -6.48 -4.70 24.59
N PHE B 17 -6.46 -6.02 24.76
CA PHE B 17 -5.24 -6.77 24.55
C PHE B 17 -4.86 -6.80 23.07
N VAL B 18 -5.85 -6.92 22.19
CA VAL B 18 -5.59 -6.92 20.75
C VAL B 18 -5.06 -5.56 20.30
N ARG B 19 -5.70 -4.48 20.75
CA ARG B 19 -5.33 -3.15 20.26
C ARG B 19 -4.00 -2.67 20.85
N LEU B 20 -3.73 -2.94 22.13
CA LEU B 20 -2.69 -2.24 22.89
C LEU B 20 -1.38 -3.01 23.03
N SER B 21 -1.35 -4.31 22.74
CA SER B 21 -0.14 -5.08 23.00
C SER B 21 0.97 -4.76 22.00
N LYS B 22 2.18 -4.55 22.52
CA LYS B 22 3.37 -4.42 21.69
C LYS B 22 3.81 -5.79 21.20
N LEU B 23 4.53 -5.79 20.07
CA LEU B 23 4.94 -7.06 19.47
C LEU B 23 5.91 -7.80 20.37
N GLU B 24 6.80 -7.07 21.05
CA GLU B 24 7.78 -7.69 21.93
C GLU B 24 7.11 -8.33 23.14
N THR B 25 6.06 -7.68 23.65
CA THR B 25 5.24 -8.28 24.69
C THR B 25 4.67 -9.61 24.23
N LEU B 26 4.05 -9.62 23.05
CA LEU B 26 3.43 -10.83 22.54
C LEU B 26 4.43 -11.98 22.43
N GLN B 27 5.62 -11.72 21.92
CA GLN B 27 6.63 -12.78 21.79
C GLN B 27 7.11 -13.25 23.17
N ASN B 28 7.26 -12.32 24.10
CA ASN B 28 7.61 -12.68 25.48
C ASN B 28 6.53 -13.56 26.11
N LEU B 29 5.27 -13.17 25.93
CA LEU B 29 4.19 -13.93 26.54
C LEU B 29 4.14 -15.34 25.98
N ILE B 30 4.38 -15.49 24.68
CA ILE B 30 4.41 -16.83 24.09
C ILE B 30 5.51 -17.65 24.74
N ASP B 31 6.69 -17.07 24.91
CA ASP B 31 7.77 -17.79 25.57
C ASP B 31 7.41 -18.12 27.00
N LYS B 32 6.81 -17.17 27.73
CA LYS B 32 6.42 -17.43 29.10
C LYS B 32 5.40 -18.57 29.17
N MET B 33 4.38 -18.54 28.31
CA MET B 33 3.37 -19.61 28.35
C MET B 33 3.96 -20.96 27.94
N LEU B 34 5.01 -20.95 27.14
CA LEU B 34 5.75 -22.18 26.90
C LEU B 34 6.47 -22.63 28.16
N ALA B 35 7.06 -21.66 28.88
CA ALA B 35 7.80 -21.96 30.09
C ALA B 35 6.91 -22.57 31.16
N GLU B 36 5.66 -22.10 31.25
CA GLU B 36 4.71 -22.55 32.24
C GLU B 36 3.98 -23.83 31.84
N ARG B 37 4.37 -24.48 30.74
CA ARG B 37 3.70 -25.66 30.17
C ARG B 37 2.24 -25.39 29.82
N VAL B 38 1.86 -24.13 29.63
CA VAL B 38 0.53 -23.84 29.12
C VAL B 38 0.44 -24.23 27.65
N PHE B 39 1.49 -23.93 26.89
CA PHE B 39 1.65 -24.33 25.50
C PHE B 39 2.70 -25.45 25.39
N ASN B 40 2.52 -26.35 24.42
CA ASN B 40 3.57 -27.19 23.87
C ASN B 40 4.20 -26.50 22.66
N LYS B 41 5.35 -27.00 22.20
CA LYS B 41 6.04 -26.31 21.11
C LYS B 41 5.18 -26.20 19.84
N GLY B 42 4.31 -27.18 19.60
CA GLY B 42 3.44 -27.11 18.44
C GLY B 42 2.45 -25.94 18.50
N GLU B 43 1.92 -25.66 19.69
CA GLU B 43 0.96 -24.57 19.80
C GLU B 43 1.64 -23.22 19.63
N ALA B 44 2.81 -23.04 20.25
CA ALA B 44 3.53 -21.77 20.12
C ALA B 44 3.95 -21.50 18.67
N ALA B 45 4.12 -22.55 17.87
CA ALA B 45 4.54 -22.36 16.49
C ALA B 45 3.37 -22.09 15.57
N ASP B 46 2.20 -22.67 15.84
CA ASP B 46 1.00 -22.33 15.09
C ASP B 46 0.76 -20.83 15.10
N ILE B 47 0.75 -20.23 16.29
CA ILE B 47 0.54 -18.80 16.42
C ILE B 47 1.52 -18.01 15.55
N LEU B 48 2.79 -18.38 15.59
CA LEU B 48 3.82 -17.55 14.99
C LEU B 48 3.98 -17.83 13.49
N GLU B 49 3.92 -19.10 13.07
CA GLU B 49 4.20 -19.43 11.68
C GLU B 49 3.07 -18.99 10.75
N SER B 50 1.84 -18.86 11.26
CA SER B 50 0.77 -18.31 10.45
C SER B 50 0.87 -16.81 10.27
N ASN B 51 1.71 -16.13 11.05
CA ASN B 51 1.71 -14.68 11.13
C ASN B 51 3.15 -14.16 11.17
N ASP B 52 3.87 -14.26 10.06
CA ASP B 52 5.28 -13.87 10.02
C ASP B 52 5.36 -12.39 9.69
N ILE B 53 5.62 -11.57 10.72
CA ILE B 53 5.84 -10.14 10.52
C ILE B 53 7.14 -9.90 9.76
N ARG B 54 8.17 -10.70 10.04
CA ARG B 54 9.46 -10.52 9.40
C ARG B 54 9.35 -10.68 7.89
N ALA B 55 8.71 -11.76 7.44
CA ALA B 55 8.55 -11.97 6.01
C ALA B 55 7.75 -10.84 5.37
N ASP B 56 6.74 -10.33 6.09
CA ASP B 56 5.93 -9.22 5.57
C ASP B 56 6.78 -7.97 5.40
N ILE B 57 7.60 -7.64 6.39
CA ILE B 57 8.47 -6.48 6.30
C ILE B 57 9.49 -6.65 5.18
N ALA B 58 10.01 -7.87 4.99
CA ALA B 58 11.03 -8.10 3.96
C ALA B 58 10.46 -7.89 2.56
N ARG B 59 9.23 -8.37 2.32
CA ARG B 59 8.62 -8.23 1.00
C ARG B 59 8.33 -6.77 0.69
N ALA B 60 7.80 -6.03 1.67
CA ALA B 60 7.51 -4.62 1.45
C ALA B 60 8.78 -3.84 1.19
N LEU B 61 9.87 -4.20 1.87
CA LEU B 61 11.13 -3.49 1.73
C LEU B 61 11.73 -3.68 0.34
N ILE B 62 11.89 -4.93 -0.09
CA ILE B 62 12.59 -5.15 -1.35
C ILE B 62 11.73 -4.71 -2.53
N ASP B 63 10.42 -4.72 -2.38
CA ASP B 63 9.56 -4.25 -3.45
C ASP B 63 9.56 -2.71 -3.55
N SER B 64 9.65 -2.00 -2.42
CA SER B 64 9.83 -0.55 -2.51
C SER B 64 11.14 -0.19 -3.23
N VAL B 65 12.22 -0.88 -2.90
CA VAL B 65 13.52 -0.60 -3.50
C VAL B 65 13.49 -0.91 -5.00
N THR B 66 13.05 -2.14 -5.35
CA THR B 66 13.05 -2.55 -6.75
C THR B 66 12.31 -1.54 -7.61
N LYS B 67 11.16 -1.04 -7.13
CA LYS B 67 10.37 -0.08 -7.91
C LYS B 67 11.09 1.24 -8.14
N LYS B 68 11.99 1.63 -7.24
CA LYS B 68 12.74 2.87 -7.42
C LYS B 68 13.89 2.76 -8.44
N GLY B 69 14.17 1.58 -9.00
CA GLY B 69 15.18 1.50 -10.04
C GLY B 69 16.59 1.19 -9.56
N ASP B 70 17.54 1.35 -10.50
CA ASP B 70 18.84 0.70 -10.40
C ASP B 70 19.76 1.33 -9.36
N VAL B 71 19.79 2.66 -9.27
CA VAL B 71 20.63 3.32 -8.27
C VAL B 71 20.21 2.87 -6.86
N ALA B 72 18.93 3.04 -6.54
CA ALA B 72 18.44 2.60 -5.24
C ALA B 72 18.77 1.11 -5.00
N CYS B 73 18.56 0.27 -6.01
CA CYS B 73 18.89 -1.14 -5.85
C CYS B 73 20.37 -1.33 -5.52
N SER B 74 21.24 -0.55 -6.15
CA SER B 74 22.67 -0.70 -5.94
C SER B 74 23.07 -0.27 -4.53
N LEU B 75 22.50 0.83 -4.04
CA LEU B 75 22.72 1.23 -2.66
C LEU B 75 22.25 0.14 -1.71
N PHE B 76 21.04 -0.36 -1.95
CA PHE B 76 20.49 -1.46 -1.16
C PHE B 76 21.42 -2.66 -1.15
N ALA B 77 21.91 -3.07 -2.33
CA ALA B 77 22.80 -4.22 -2.40
C ALA B 77 24.09 -3.96 -1.62
N GLY B 78 24.60 -2.73 -1.69
CA GLY B 78 25.78 -2.40 -0.93
C GLY B 78 25.58 -2.61 0.57
N ALA B 79 24.46 -2.11 1.08
CA ALA B 79 24.18 -2.26 2.51
C ALA B 79 23.91 -3.72 2.90
N ILE B 80 23.32 -4.52 2.00
CA ILE B 80 23.16 -5.95 2.30
C ILE B 80 24.53 -6.62 2.51
N ALA B 81 25.43 -6.42 1.54
CA ALA B 81 26.78 -6.98 1.62
C ALA B 81 27.45 -6.63 2.94
N ARG B 82 27.25 -5.40 3.41
CA ARG B 82 27.88 -4.99 4.66
C ARG B 82 27.18 -5.54 5.89
N GLN B 83 25.93 -5.99 5.75
CA GLN B 83 25.17 -6.51 6.88
C GLN B 83 25.33 -8.01 7.04
N ASP B 84 25.12 -8.77 5.97
CA ASP B 84 24.99 -10.23 6.06
C ASP B 84 25.62 -10.85 4.83
N VAL B 85 26.73 -11.57 5.03
CA VAL B 85 27.46 -12.16 3.89
C VAL B 85 26.68 -13.33 3.29
N VAL B 86 25.89 -14.05 4.08
CA VAL B 86 25.10 -15.17 3.57
C VAL B 86 23.94 -14.67 2.72
N LEU B 87 23.26 -13.63 3.19
CA LEU B 87 22.24 -13.00 2.36
C LEU B 87 22.85 -12.46 1.06
N ALA B 88 24.02 -11.82 1.16
CA ALA B 88 24.64 -11.25 -0.03
C ALA B 88 24.96 -12.32 -1.04
N ASP B 89 25.58 -13.42 -0.58
CA ASP B 89 25.91 -14.54 -1.46
C ASP B 89 24.66 -15.16 -2.07
N ALA B 90 23.61 -15.32 -1.28
CA ALA B 90 22.42 -16.01 -1.78
C ALA B 90 21.73 -15.18 -2.86
N MET B 91 21.82 -13.86 -2.80
CA MET B 91 21.16 -12.99 -3.78
C MET B 91 22.04 -12.65 -4.98
N GLY B 92 23.28 -13.13 -5.02
CA GLY B 92 24.17 -12.77 -6.12
C GLY B 92 24.99 -11.51 -5.92
N ILE B 93 25.03 -10.97 -4.71
CA ILE B 93 25.83 -9.79 -4.42
C ILE B 93 27.22 -10.24 -3.99
N SER B 94 28.25 -9.60 -4.53
CA SER B 94 29.63 -10.00 -4.23
C SER B 94 30.22 -9.14 -3.13
N GLN B 95 30.98 -9.77 -2.24
CA GLN B 95 31.65 -9.06 -1.15
C GLN B 95 32.90 -9.81 -0.69
N MET C 2 -19.89 32.55 -20.17
CA MET C 2 -19.10 33.53 -19.40
C MET C 2 -19.90 34.04 -18.20
N GLN C 3 -19.22 34.14 -17.07
CA GLN C 3 -19.78 34.65 -15.83
C GLN C 3 -18.87 35.75 -15.31
N ASN C 4 -19.44 36.71 -14.60
CA ASN C 4 -18.63 37.78 -14.04
C ASN C 4 -17.95 37.25 -12.79
N PHE C 5 -16.68 36.90 -12.94
CA PHE C 5 -15.95 36.12 -11.95
C PHE C 5 -14.48 36.09 -12.36
N GLY C 6 -13.67 36.97 -11.80
CA GLY C 6 -12.28 37.11 -12.22
C GLY C 6 -11.30 36.30 -11.39
N ALA C 7 -10.03 36.72 -11.46
CA ALA C 7 -8.93 36.00 -10.80
C ALA C 7 -8.96 36.12 -9.28
N GLN C 8 -9.38 37.26 -8.73
CA GLN C 8 -9.44 37.37 -7.27
C GLN C 8 -10.49 36.43 -6.68
N GLU C 9 -11.66 36.34 -7.33
CA GLU C 9 -12.70 35.45 -6.82
C GLU C 9 -12.35 33.98 -7.04
N MET C 10 -11.55 33.68 -8.06
CA MET C 10 -11.14 32.29 -8.32
C MET C 10 -10.13 31.81 -7.30
N ARG C 11 -9.29 32.73 -6.79
CA ARG C 11 -8.37 32.39 -5.71
C ARG C 11 -9.11 32.12 -4.40
N LYS C 12 -10.13 32.94 -4.10
CA LYS C 12 -10.95 32.68 -2.93
C LYS C 12 -11.59 31.30 -2.98
N GLY C 13 -12.05 30.87 -4.14
CA GLY C 13 -12.69 29.58 -4.27
C GLY C 13 -11.76 28.41 -4.55
N ARG C 14 -10.45 28.64 -4.51
CA ARG C 14 -9.50 27.57 -4.85
C ARG C 14 -9.69 26.35 -3.97
N LEU C 15 -9.74 26.54 -2.65
CA LEU C 15 -9.83 25.39 -1.74
C LEU C 15 -11.09 24.56 -1.99
N ALA C 16 -12.23 25.22 -2.25
CA ALA C 16 -13.44 24.46 -2.55
C ALA C 16 -13.33 23.76 -3.90
N PHE C 17 -12.62 24.35 -4.86
CA PHE C 17 -12.52 23.70 -6.15
C PHE C 17 -11.69 22.42 -6.04
N VAL C 18 -10.59 22.47 -5.27
CA VAL C 18 -9.72 21.31 -5.13
C VAL C 18 -10.41 20.21 -4.34
N ARG C 19 -11.12 20.59 -3.27
CA ARG C 19 -11.79 19.61 -2.40
C ARG C 19 -12.91 18.88 -3.14
N LEU C 20 -13.76 19.63 -3.87
CA LEU C 20 -15.06 19.12 -4.28
C LEU C 20 -15.14 18.69 -5.74
N SER C 21 -14.16 19.04 -6.58
CA SER C 21 -14.29 18.77 -8.01
C SER C 21 -14.18 17.28 -8.30
N LYS C 22 -15.04 16.81 -9.19
CA LYS C 22 -15.03 15.41 -9.60
C LYS C 22 -14.09 15.22 -10.77
N LEU C 23 -13.54 14.01 -10.87
CA LEU C 23 -12.54 13.73 -11.90
C LEU C 23 -13.09 13.98 -13.29
N GLU C 24 -14.29 13.49 -13.57
CA GLU C 24 -14.89 13.67 -14.89
C GLU C 24 -15.08 15.15 -15.21
N THR C 25 -15.49 15.94 -14.23
CA THR C 25 -15.66 17.38 -14.44
C THR C 25 -14.34 18.05 -14.80
N LEU C 26 -13.27 17.66 -14.11
CA LEU C 26 -11.94 18.15 -14.43
C LEU C 26 -11.56 17.82 -15.88
N GLN C 27 -11.77 16.58 -16.31
CA GLN C 27 -11.41 16.22 -17.68
C GLN C 27 -12.26 16.98 -18.70
N ASN C 28 -13.53 17.22 -18.39
CA ASN C 28 -14.37 18.05 -19.27
C ASN C 28 -13.88 19.49 -19.33
N LEU C 29 -13.54 20.07 -18.17
CA LEU C 29 -13.08 21.45 -18.12
C LEU C 29 -11.78 21.63 -18.89
N ILE C 30 -10.86 20.67 -18.80
CA ILE C 30 -9.62 20.77 -19.55
C ILE C 30 -9.92 20.81 -21.04
N ASP C 31 -10.79 19.90 -21.50
CA ASP C 31 -11.20 19.87 -22.91
C ASP C 31 -11.85 21.18 -23.32
N LYS C 32 -12.77 21.70 -22.49
CA LYS C 32 -13.50 22.91 -22.86
C LYS C 32 -12.59 24.14 -22.98
N MET C 33 -11.58 24.25 -22.09
CA MET C 33 -10.65 25.37 -22.19
C MET C 33 -9.77 25.25 -23.43
N LEU C 34 -9.53 24.01 -23.89
CA LEU C 34 -8.80 23.82 -25.14
C LEU C 34 -9.69 24.11 -26.34
N ALA C 35 -10.90 23.54 -26.34
CA ALA C 35 -11.85 23.79 -27.42
C ALA C 35 -12.12 25.28 -27.62
N GLU C 36 -12.26 26.04 -26.52
CA GLU C 36 -12.42 27.48 -26.60
C GLU C 36 -11.11 28.23 -26.77
N ARG C 37 -9.99 27.51 -26.97
CA ARG C 37 -8.67 28.08 -27.19
C ARG C 37 -8.26 29.06 -26.08
N VAL C 38 -8.76 28.83 -24.87
CA VAL C 38 -8.15 29.43 -23.68
C VAL C 38 -6.79 28.78 -23.40
N PHE C 39 -6.71 27.45 -23.53
CA PHE C 39 -5.45 26.72 -23.51
C PHE C 39 -4.97 26.44 -24.93
N ASN C 40 -3.65 26.29 -25.08
CA ASN C 40 -3.10 25.67 -26.28
C ASN C 40 -2.86 24.19 -25.98
N LYS C 41 -2.36 23.47 -27.00
CA LYS C 41 -2.13 22.03 -26.85
C LYS C 41 -1.09 21.74 -25.78
N GLY C 42 -0.03 22.56 -25.69
CA GLY C 42 0.96 22.37 -24.65
C GLY C 42 0.36 22.42 -23.24
N GLU C 43 -0.43 23.47 -22.97
CA GLU C 43 -0.93 23.66 -21.61
C GLU C 43 -1.86 22.53 -21.17
N ALA C 44 -2.73 22.08 -22.07
CA ALA C 44 -3.63 20.99 -21.71
C ALA C 44 -2.84 19.72 -21.40
N ALA C 45 -1.87 19.40 -22.26
CA ALA C 45 -1.02 18.22 -22.03
C ALA C 45 -0.22 18.34 -20.74
N ASP C 46 0.24 19.55 -20.41
CA ASP C 46 1.01 19.73 -19.18
C ASP C 46 0.20 19.31 -17.96
N ILE C 47 -1.06 19.76 -17.89
CA ILE C 47 -1.93 19.49 -16.75
C ILE C 47 -2.16 18.01 -16.55
N LEU C 48 -2.24 17.23 -17.64
CA LEU C 48 -2.60 15.82 -17.58
C LEU C 48 -1.41 14.88 -17.57
N GLU C 49 -0.34 15.21 -18.29
CA GLU C 49 0.78 14.28 -18.40
C GLU C 49 1.53 14.14 -17.08
N SER C 50 1.51 15.19 -16.26
CA SER C 50 2.09 15.07 -14.92
C SER C 50 1.24 14.24 -13.98
N ASN C 51 -0.05 14.00 -14.32
CA ASN C 51 -1.00 13.35 -13.40
C ASN C 51 -1.77 12.26 -14.16
N ASP C 52 -1.14 11.11 -14.35
CA ASP C 52 -1.73 10.01 -15.11
C ASP C 52 -2.52 9.11 -14.15
N ILE C 53 -3.84 9.18 -14.26
CA ILE C 53 -4.70 8.35 -13.41
C ILE C 53 -4.69 6.90 -13.90
N ARG C 54 -4.58 6.70 -15.22
CA ARG C 54 -4.51 5.35 -15.75
C ARG C 54 -3.32 4.59 -15.19
N ALA C 55 -2.15 5.24 -15.13
CA ALA C 55 -0.95 4.58 -14.62
C ALA C 55 -1.08 4.26 -13.13
N ASP C 56 -1.67 5.17 -12.36
CA ASP C 56 -1.87 4.91 -10.93
C ASP C 56 -2.76 3.69 -10.73
N ILE C 57 -3.87 3.58 -11.49
CA ILE C 57 -4.74 2.42 -11.40
C ILE C 57 -3.99 1.15 -11.76
N ALA C 58 -3.22 1.20 -12.86
CA ALA C 58 -2.45 0.05 -13.29
C ALA C 58 -1.54 -0.47 -12.19
N ARG C 59 -0.85 0.43 -11.48
CA ARG C 59 0.03 0.03 -10.39
C ARG C 59 -0.74 -0.65 -9.27
N ALA C 60 -1.87 -0.06 -8.89
CA ALA C 60 -2.67 -0.62 -7.80
C ALA C 60 -3.19 -1.98 -8.17
N LEU C 61 -3.63 -2.13 -9.43
CA LEU C 61 -4.24 -3.37 -9.88
C LEU C 61 -3.22 -4.50 -9.87
N ILE C 62 -2.04 -4.28 -10.48
CA ILE C 62 -1.10 -5.38 -10.62
C ILE C 62 -0.47 -5.73 -9.27
N ASP C 63 -0.23 -4.74 -8.41
CA ASP C 63 0.33 -5.07 -7.10
C ASP C 63 -0.67 -5.81 -6.22
N SER C 64 -1.98 -5.56 -6.39
CA SER C 64 -2.96 -6.31 -5.62
C SER C 64 -2.99 -7.77 -6.06
N VAL C 65 -2.87 -8.02 -7.37
CA VAL C 65 -2.90 -9.38 -7.89
C VAL C 65 -1.65 -10.15 -7.44
N THR C 66 -0.49 -9.52 -7.60
CA THR C 66 0.78 -10.17 -7.29
C THR C 66 0.83 -10.64 -5.84
N LYS C 67 0.28 -9.85 -4.91
CA LYS C 67 0.37 -10.24 -3.51
C LYS C 67 -0.47 -11.49 -3.23
N LYS C 68 -1.48 -11.78 -4.05
CA LYS C 68 -2.30 -12.96 -3.80
C LYS C 68 -1.69 -14.26 -4.32
N GLY C 69 -0.59 -14.22 -5.08
CA GLY C 69 0.11 -15.45 -5.42
C GLY C 69 -0.21 -15.97 -6.82
N ASP C 70 0.38 -17.14 -7.10
CA ASP C 70 0.51 -17.65 -8.46
C ASP C 70 -0.85 -17.88 -9.12
N VAL C 71 -1.81 -18.45 -8.37
CA VAL C 71 -3.11 -18.78 -8.96
C VAL C 71 -3.83 -17.51 -9.38
N ALA C 72 -3.82 -16.50 -8.52
CA ALA C 72 -4.37 -15.19 -8.87
C ALA C 72 -3.68 -14.62 -10.09
N CYS C 73 -2.34 -14.68 -10.14
CA CYS C 73 -1.62 -14.20 -11.30
C CYS C 73 -1.97 -15.00 -12.54
N SER C 74 -2.28 -16.28 -12.40
CA SER C 74 -2.57 -17.09 -13.58
C SER C 74 -3.92 -16.73 -14.18
N LEU C 75 -4.93 -16.51 -13.33
CA LEU C 75 -6.22 -15.98 -13.82
C LEU C 75 -6.03 -14.64 -14.51
N PHE C 76 -5.34 -13.72 -13.84
CA PHE C 76 -5.13 -12.37 -14.37
C PHE C 76 -4.44 -12.41 -15.72
N ALA C 77 -3.38 -13.22 -15.84
CA ALA C 77 -2.68 -13.37 -17.11
C ALA C 77 -3.57 -13.96 -18.21
N GLY C 78 -4.47 -14.87 -17.83
CA GLY C 78 -5.45 -15.34 -18.80
C GLY C 78 -6.33 -14.21 -19.33
N ALA C 79 -6.87 -13.41 -18.42
CA ALA C 79 -7.72 -12.28 -18.84
C ALA C 79 -6.94 -11.25 -19.66
N ILE C 80 -5.66 -11.02 -19.33
CA ILE C 80 -4.88 -10.08 -20.13
C ILE C 80 -4.74 -10.60 -21.55
N ALA C 81 -4.39 -11.89 -21.70
CA ALA C 81 -4.17 -12.47 -23.02
C ALA C 81 -5.41 -12.38 -23.88
N ARG C 82 -6.59 -12.58 -23.27
CA ARG C 82 -7.84 -12.45 -24.02
C ARG C 82 -8.12 -11.01 -24.43
N GLN C 83 -7.56 -10.03 -23.72
CA GLN C 83 -7.90 -8.61 -23.92
C GLN C 83 -6.96 -7.88 -24.87
N ASP C 84 -5.64 -8.07 -24.74
CA ASP C 84 -4.67 -7.29 -25.50
C ASP C 84 -3.45 -8.14 -25.80
N VAL C 85 -3.27 -8.49 -27.08
CA VAL C 85 -2.11 -9.29 -27.48
C VAL C 85 -0.81 -8.49 -27.35
N VAL C 86 -0.82 -7.18 -27.60
CA VAL C 86 0.40 -6.40 -27.41
C VAL C 86 0.79 -6.39 -25.94
N LEU C 87 -0.20 -6.10 -25.07
CA LEU C 87 0.06 -6.08 -23.64
C LEU C 87 0.59 -7.43 -23.17
N ALA C 88 0.01 -8.52 -23.68
CA ALA C 88 0.35 -9.85 -23.19
C ALA C 88 1.73 -10.28 -23.67
N ASP C 89 2.06 -10.00 -24.93
CA ASP C 89 3.38 -10.34 -25.43
C ASP C 89 4.46 -9.52 -24.75
N ALA C 90 4.17 -8.28 -24.35
CA ALA C 90 5.18 -7.45 -23.73
C ALA C 90 5.49 -7.91 -22.31
N MET C 91 4.55 -8.60 -21.66
CA MET C 91 4.76 -9.16 -20.33
C MET C 91 5.28 -10.60 -20.36
N GLY C 92 5.41 -11.19 -21.54
CA GLY C 92 5.83 -12.57 -21.63
C GLY C 92 4.71 -13.57 -21.45
N ILE C 93 3.48 -13.18 -21.72
CA ILE C 93 2.33 -14.06 -21.65
C ILE C 93 2.07 -14.61 -23.04
N SER C 94 1.76 -15.90 -23.13
CA SER C 94 1.45 -16.52 -24.40
C SER C 94 -0.06 -16.45 -24.66
N GLN C 95 -0.50 -17.10 -25.74
CA GLN C 95 -1.93 -17.04 -26.11
C GLN C 95 -2.47 -18.33 -26.67
N MET D 2 -7.16 -19.69 -18.55
CA MET D 2 -6.05 -19.52 -17.61
C MET D 2 -4.71 -19.84 -18.29
N GLN D 3 -3.66 -19.18 -17.80
CA GLN D 3 -2.27 -19.40 -18.18
C GLN D 3 -1.50 -19.95 -16.99
N ASN D 4 -0.27 -20.38 -17.24
CA ASN D 4 0.63 -20.75 -16.15
C ASN D 4 1.65 -19.63 -16.07
N PHE D 5 1.40 -18.68 -15.17
CA PHE D 5 2.10 -17.41 -15.16
C PHE D 5 2.02 -16.89 -13.73
N GLY D 6 3.11 -17.04 -12.97
CA GLY D 6 3.11 -16.78 -11.54
C GLY D 6 3.52 -15.37 -11.14
N ALA D 7 3.66 -15.20 -9.81
CA ALA D 7 3.95 -13.89 -9.24
C ALA D 7 5.32 -13.38 -9.62
N GLN D 8 6.32 -14.27 -9.74
CA GLN D 8 7.64 -13.80 -10.14
C GLN D 8 7.62 -13.27 -11.57
N GLU D 9 6.80 -13.88 -12.43
CA GLU D 9 6.68 -13.40 -13.81
C GLU D 9 5.91 -12.08 -13.86
N MET D 10 4.90 -11.95 -13.00
CA MET D 10 4.14 -10.71 -12.95
C MET D 10 5.01 -9.55 -12.50
N ARG D 11 5.92 -9.78 -11.55
CA ARG D 11 6.87 -8.73 -11.20
C ARG D 11 7.80 -8.39 -12.37
N LYS D 12 8.18 -9.37 -13.19
CA LYS D 12 9.06 -9.04 -14.29
C LYS D 12 8.32 -8.28 -15.39
N GLY D 13 7.03 -8.51 -15.57
CA GLY D 13 6.25 -7.77 -16.55
C GLY D 13 5.49 -6.57 -15.97
N ARG D 14 5.90 -6.11 -14.79
CA ARG D 14 5.18 -5.03 -14.13
C ARG D 14 5.31 -3.73 -14.91
N LEU D 15 6.52 -3.38 -15.31
CA LEU D 15 6.74 -2.10 -16.00
C LEU D 15 6.00 -2.08 -17.34
N ALA D 16 6.06 -3.17 -18.10
CA ALA D 16 5.29 -3.25 -19.35
C ALA D 16 3.81 -2.99 -19.09
N PHE D 17 3.23 -3.69 -18.10
CA PHE D 17 1.80 -3.54 -17.81
C PHE D 17 1.43 -2.08 -17.53
N VAL D 18 2.18 -1.42 -16.64
CA VAL D 18 1.86 -0.05 -16.25
C VAL D 18 1.92 0.87 -17.46
N ARG D 19 2.99 0.76 -18.21
CA ARG D 19 3.22 1.63 -19.38
C ARG D 19 2.21 1.35 -20.49
N LEU D 20 1.79 0.10 -20.68
CA LEU D 20 1.11 -0.30 -21.91
C LEU D 20 -0.37 -0.61 -21.77
N SER D 21 -0.90 -0.75 -20.56
CA SER D 21 -2.30 -1.10 -20.43
C SER D 21 -3.18 0.09 -20.76
N LYS D 22 -4.27 -0.16 -21.48
CA LYS D 22 -5.22 0.91 -21.75
C LYS D 22 -6.26 0.97 -20.62
N LEU D 23 -6.87 2.16 -20.47
CA LEU D 23 -7.82 2.38 -19.39
C LEU D 23 -9.00 1.41 -19.46
N GLU D 24 -9.63 1.31 -20.64
CA GLU D 24 -10.77 0.40 -20.79
C GLU D 24 -10.36 -1.06 -20.53
N THR D 25 -9.12 -1.43 -20.85
CA THR D 25 -8.65 -2.77 -20.50
C THR D 25 -8.51 -2.91 -18.99
N LEU D 26 -8.05 -1.86 -18.31
CA LEU D 26 -7.96 -1.93 -16.86
C LEU D 26 -9.32 -2.13 -16.23
N GLN D 27 -10.34 -1.38 -16.71
CA GLN D 27 -11.70 -1.53 -16.16
C GLN D 27 -12.23 -2.94 -16.38
N ASN D 28 -12.02 -3.53 -17.57
CA ASN D 28 -12.50 -4.89 -17.80
C ASN D 28 -11.76 -5.90 -16.93
N LEU D 29 -10.48 -5.69 -16.65
CA LEU D 29 -9.74 -6.63 -15.80
C LEU D 29 -10.24 -6.58 -14.36
N ILE D 30 -10.49 -5.38 -13.83
CA ILE D 30 -11.00 -5.27 -12.47
C ILE D 30 -12.37 -5.91 -12.36
N ASP D 31 -13.21 -5.71 -13.37
CA ASP D 31 -14.52 -6.36 -13.38
C ASP D 31 -14.38 -7.87 -13.40
N LYS D 32 -13.51 -8.36 -14.28
CA LYS D 32 -13.22 -9.79 -14.36
C LYS D 32 -12.75 -10.34 -13.01
N MET D 33 -11.72 -9.73 -12.43
CA MET D 33 -11.19 -10.21 -11.14
C MET D 33 -12.24 -10.17 -10.04
N LEU D 34 -13.15 -9.19 -10.09
CA LEU D 34 -14.19 -9.15 -9.06
C LEU D 34 -15.25 -10.21 -9.31
N ALA D 35 -15.63 -10.40 -10.58
CA ALA D 35 -16.57 -11.46 -10.94
C ALA D 35 -16.05 -12.83 -10.52
N GLU D 36 -14.76 -13.10 -10.77
CA GLU D 36 -14.12 -14.34 -10.38
C GLU D 36 -13.81 -14.42 -8.89
N ARG D 37 -14.17 -13.39 -8.13
CA ARG D 37 -14.02 -13.34 -6.67
C ARG D 37 -12.58 -13.40 -6.22
N VAL D 38 -11.63 -13.09 -7.11
CA VAL D 38 -10.26 -12.81 -6.69
C VAL D 38 -10.22 -11.51 -5.87
N PHE D 39 -11.00 -10.51 -6.27
CA PHE D 39 -11.20 -9.31 -5.46
C PHE D 39 -12.51 -9.41 -4.67
N ASN D 40 -12.55 -8.74 -3.52
CA ASN D 40 -13.81 -8.36 -2.90
C ASN D 40 -14.17 -6.95 -3.36
N LYS D 41 -15.41 -6.53 -3.09
CA LYS D 41 -15.82 -5.24 -3.65
C LYS D 41 -15.06 -4.08 -3.03
N GLY D 42 -14.58 -4.23 -1.79
CA GLY D 42 -13.68 -3.25 -1.23
C GLY D 42 -12.42 -3.05 -2.07
N GLU D 43 -11.76 -4.16 -2.41
CA GLU D 43 -10.48 -4.06 -3.13
C GLU D 43 -10.65 -3.42 -4.52
N ALA D 44 -11.71 -3.79 -5.24
CA ALA D 44 -11.97 -3.16 -6.53
C ALA D 44 -12.23 -1.67 -6.38
N ALA D 45 -12.84 -1.26 -5.26
CA ALA D 45 -13.12 0.15 -5.05
C ALA D 45 -11.84 0.95 -4.82
N ASP D 46 -10.90 0.42 -4.04
CA ASP D 46 -9.64 1.12 -3.79
C ASP D 46 -8.85 1.29 -5.09
N ILE D 47 -8.71 0.19 -5.84
CA ILE D 47 -7.95 0.24 -7.08
C ILE D 47 -8.46 1.37 -7.97
N LEU D 48 -9.78 1.49 -8.10
CA LEU D 48 -10.37 2.46 -9.01
C LEU D 48 -10.25 3.90 -8.52
N GLU D 49 -10.07 4.13 -7.22
CA GLU D 49 -10.07 5.47 -6.65
C GLU D 49 -8.66 6.07 -6.66
N SER D 50 -8.57 7.35 -7.05
CA SER D 50 -7.31 8.06 -7.12
C SER D 50 -7.56 9.51 -6.76
N ASN D 51 -8.06 9.74 -5.54
CA ASN D 51 -8.36 11.10 -5.11
C ASN D 51 -7.09 11.96 -5.02
N ASP D 52 -5.92 11.33 -4.82
CA ASP D 52 -4.66 12.08 -4.77
C ASP D 52 -4.30 12.67 -6.13
N ILE D 53 -4.38 11.85 -7.19
CA ILE D 53 -4.16 12.37 -8.54
C ILE D 53 -5.18 13.45 -8.85
N ARG D 54 -6.45 13.19 -8.50
CA ARG D 54 -7.53 14.11 -8.82
C ARG D 54 -7.27 15.51 -8.24
N ALA D 55 -6.90 15.59 -6.95
CA ALA D 55 -6.61 16.91 -6.37
C ALA D 55 -5.42 17.58 -7.05
N ASP D 56 -4.42 16.79 -7.42
CA ASP D 56 -3.27 17.36 -8.12
C ASP D 56 -3.67 17.93 -9.49
N ILE D 57 -4.56 17.24 -10.20
CA ILE D 57 -5.05 17.80 -11.47
C ILE D 57 -5.77 19.13 -11.21
N ALA D 58 -6.63 19.15 -10.19
CA ALA D 58 -7.42 20.34 -9.88
C ALA D 58 -6.53 21.53 -9.48
N ARG D 59 -5.49 21.29 -8.67
CA ARG D 59 -4.53 22.35 -8.37
C ARG D 59 -3.90 22.90 -9.65
N ALA D 60 -3.38 22.01 -10.49
CA ALA D 60 -2.68 22.44 -11.70
C ALA D 60 -3.64 23.15 -12.65
N LEU D 61 -4.89 22.69 -12.70
CA LEU D 61 -5.88 23.32 -13.56
C LEU D 61 -6.21 24.74 -13.11
N ILE D 62 -6.55 24.92 -11.83
CA ILE D 62 -7.04 26.23 -11.42
C ILE D 62 -5.90 27.24 -11.35
N ASP D 63 -4.68 26.80 -11.00
CA ASP D 63 -3.52 27.68 -11.04
C ASP D 63 -3.18 28.13 -12.47
N SER D 64 -3.42 27.28 -13.48
CA SER D 64 -3.18 27.68 -14.87
C SER D 64 -4.20 28.70 -15.34
N VAL D 65 -5.47 28.51 -14.95
CA VAL D 65 -6.53 29.45 -15.32
C VAL D 65 -6.31 30.78 -14.62
N THR D 66 -5.93 30.75 -13.34
CA THR D 66 -5.80 31.98 -12.59
C THR D 66 -4.66 32.82 -13.14
N LYS D 67 -3.62 32.16 -13.66
CA LYS D 67 -2.46 32.87 -14.17
C LYS D 67 -2.82 33.74 -15.36
N LYS D 68 -3.85 33.37 -16.13
CA LYS D 68 -4.21 34.08 -17.34
C LYS D 68 -5.16 35.27 -17.15
N GLY D 69 -5.59 35.55 -15.92
CA GLY D 69 -6.37 36.74 -15.66
C GLY D 69 -7.87 36.55 -15.79
N ASP D 70 -8.55 37.68 -15.98
CA ASP D 70 -9.97 37.77 -15.69
C ASP D 70 -10.85 37.11 -16.74
N VAL D 71 -10.53 37.29 -18.03
CA VAL D 71 -11.42 36.74 -19.04
C VAL D 71 -11.37 35.23 -19.02
N ALA D 72 -10.17 34.66 -18.83
CA ALA D 72 -10.03 33.23 -18.70
C ALA D 72 -10.84 32.71 -17.52
N CYS D 73 -10.72 33.38 -16.36
CA CYS D 73 -11.47 32.96 -15.17
C CYS D 73 -12.97 33.02 -15.43
N SER D 74 -13.41 34.02 -16.19
CA SER D 74 -14.84 34.18 -16.48
C SER D 74 -15.35 33.08 -17.39
N LEU D 75 -14.55 32.69 -18.38
CA LEU D 75 -14.87 31.53 -19.20
C LEU D 75 -14.82 30.25 -18.37
N PHE D 76 -13.82 30.15 -17.49
CA PHE D 76 -13.68 28.99 -16.64
C PHE D 76 -14.85 28.89 -15.67
N ALA D 77 -15.29 30.05 -15.12
CA ALA D 77 -16.40 29.99 -14.16
C ALA D 77 -17.69 29.63 -14.85
N GLY D 78 -17.89 30.12 -16.09
CA GLY D 78 -19.08 29.75 -16.82
C GLY D 78 -19.14 28.26 -17.10
N ALA D 79 -18.00 27.68 -17.47
CA ALA D 79 -17.96 26.23 -17.72
C ALA D 79 -18.17 25.42 -16.44
N ILE D 80 -17.71 25.91 -15.29
CA ILE D 80 -17.95 25.20 -14.04
C ILE D 80 -19.44 25.19 -13.73
N ALA D 81 -20.08 26.36 -13.82
CA ALA D 81 -21.49 26.51 -13.52
C ALA D 81 -22.36 25.61 -14.39
N ARG D 82 -21.96 25.38 -15.65
CA ARG D 82 -22.65 24.40 -16.49
C ARG D 82 -22.37 22.97 -16.06
N GLN D 83 -21.18 22.70 -15.53
CA GLN D 83 -20.75 21.33 -15.22
C GLN D 83 -21.27 20.82 -13.87
N ASP D 84 -21.20 21.63 -12.80
CA ASP D 84 -21.51 21.13 -11.46
C ASP D 84 -21.99 22.30 -10.61
N VAL D 85 -23.28 22.26 -10.25
CA VAL D 85 -23.88 23.38 -9.53
C VAL D 85 -23.37 23.43 -8.09
N VAL D 86 -23.05 22.26 -7.50
CA VAL D 86 -22.47 22.23 -6.16
C VAL D 86 -21.13 22.95 -6.15
N LEU D 87 -20.29 22.66 -7.15
CA LEU D 87 -18.99 23.29 -7.26
C LEU D 87 -19.11 24.80 -7.47
N ALA D 88 -20.09 25.20 -8.29
CA ALA D 88 -20.38 26.62 -8.47
C ALA D 88 -20.86 27.25 -7.17
N ASP D 89 -21.78 26.60 -6.46
CA ASP D 89 -22.29 27.17 -5.23
C ASP D 89 -21.19 27.37 -4.20
N ALA D 90 -20.29 26.40 -4.06
CA ALA D 90 -19.27 26.47 -3.03
C ALA D 90 -18.19 27.51 -3.33
N MET D 91 -18.01 27.90 -4.59
CA MET D 91 -17.02 28.91 -4.98
C MET D 91 -17.62 30.31 -5.10
N GLY D 92 -18.93 30.46 -4.89
CA GLY D 92 -19.54 31.75 -5.11
C GLY D 92 -19.73 32.13 -6.55
N ILE D 93 -19.83 31.16 -7.46
CA ILE D 93 -20.26 31.41 -8.83
C ILE D 93 -21.78 31.28 -8.90
N SER D 94 -22.42 32.19 -9.60
CA SER D 94 -23.87 32.05 -9.78
C SER D 94 -24.18 31.09 -10.94
#